data_3SGL
#
_entry.id   3SGL
#
_cell.length_a   66.085
_cell.length_b   59.815
_cell.length_c   100.797
_cell.angle_alpha   90.00
_cell.angle_beta   100.18
_cell.angle_gamma   90.00
#
_symmetry.space_group_name_H-M   'P 1 21 1'
#
loop_
_entity.id
_entity.type
_entity.pdbx_description
1 polymer 'tRNA 5-methylaminomethyl-2-thiouridine biosynthesis bifunctional protein mnmC'
2 non-polymer 'FLAVIN-ADENINE DINUCLEOTIDE'
3 non-polymer 'CHLORIDE ION'
4 non-polymer S-ADENOSYLMETHIONINE
5 water water
#
_entity_poly.entity_id   1
_entity_poly.type   'polypeptide(L)'
_entity_poly.pdbx_seq_one_letter_code
;(MSE)NQRPIQTATLSWNEQGTPVSEQFGDIYFSNEDGLEETHHVFLKGNGFPARFASHPQQSCIFAETGFGTGLNFLTL
WRDFALFRQQSPNATLRRLHYISFEKYPLHVADLASAHARWPELASFAEQLRAQWPLPLAGCHRILLADGAITLDLWFGD
VNTLLPTLDDSLNNQVDAWFLDGFAPAKNPD(MSE)WNEQLFNA(MSE)AR(MSE)TRPGGTFSTFTAAGFVRRGLQQAG
FNVTKVKGFGQKRE(MSE)LTGTLPQQIHAPTAPWYHRPAATRCDDIAIIGGGIVSALTALALQRRGAVVTLYCADAQPA
QGASGNRQGALYPLLNGKNDALETFFTSAFTFARRQYDQLLEQGIAFDHQWCGVSQLAFDDKSRGKIEK(MSE)LHTQWP
VEFAEA(MSE)SREQLSELAGLDCAHDGIHYPAGGWLCPSDLTHAL(MSE)(MSE)LAQQNG(MSE)TCHYQHELQRLKR
IDSQWQLTFGQSQAAKHHATVILATGHRLPEWEQTHHLPLSAVRGQVSHIPTTPVLSQLQQVLCYDGYLTPVNPANQHHC
IGASYQRGDIATDFRLTEQQENRERLLRCLPQVSWPQQVDVSDNQARCGVRCAIRDHLP(MSE)VGAVPDYAATLAQYQD
LSRRIQHGGESEVNDIAVAPVWPELF(MSE)VGGLGSRGLCSAPLVAEILAAQ(MSE)FGEPLPLDAKTLAALNPNRFWI
RKLLKGRPVQTRSPATQESSR
;
_entity_poly.pdbx_strand_id   A
#
# COMPACT_ATOMS: atom_id res chain seq x y z
N GLY A 34 7.66 18.37 30.43
CA GLY A 34 7.64 17.18 29.55
C GLY A 34 6.35 17.08 28.76
N LEU A 35 5.33 16.46 29.36
CA LEU A 35 4.04 16.27 28.69
C LEU A 35 3.32 17.58 28.44
N GLU A 36 3.31 18.43 29.47
CA GLU A 36 2.57 19.70 29.48
C GLU A 36 3.18 20.65 28.45
N GLU A 37 4.50 20.55 28.30
CA GLU A 37 5.24 21.33 27.33
C GLU A 37 4.87 20.99 25.87
N THR A 38 5.05 19.72 25.50
CA THR A 38 4.62 19.26 24.20
C THR A 38 3.24 19.76 23.91
N HIS A 39 2.37 19.66 24.91
CA HIS A 39 1.03 20.18 24.73
C HIS A 39 1.02 21.67 24.40
N HIS A 40 1.71 22.47 25.21
CA HIS A 40 1.69 23.91 25.05
C HIS A 40 2.13 24.39 23.68
N VAL A 41 3.21 23.79 23.19
CA VAL A 41 3.86 24.20 21.96
C VAL A 41 3.10 23.72 20.75
N PHE A 42 2.82 22.42 20.71
CA PHE A 42 2.36 21.82 19.48
C PHE A 42 0.86 21.72 19.38
N LEU A 43 0.18 21.42 20.46
CA LEU A 43 -1.26 21.29 20.35
C LEU A 43 -1.93 22.62 20.53
N LYS A 44 -1.48 23.34 21.57
CA LYS A 44 -2.07 24.63 21.91
C LYS A 44 -1.62 25.67 20.89
N GLY A 45 -0.36 25.58 20.49
CA GLY A 45 0.19 26.49 19.51
C GLY A 45 -0.49 26.37 18.17
N ASN A 46 -1.35 25.36 18.00
CA ASN A 46 -2.10 25.15 16.76
C ASN A 46 -3.63 25.27 16.90
N GLY A 47 -4.10 25.61 18.10
CA GLY A 47 -5.53 25.80 18.34
C GLY A 47 -6.23 24.61 18.98
N PHE A 48 -5.51 23.51 19.15
CA PHE A 48 -6.12 22.33 19.75
C PHE A 48 -6.04 22.36 21.29
N PRO A 49 -7.06 21.79 21.98
CA PRO A 49 -8.13 20.94 21.48
C PRO A 49 -9.35 21.65 20.86
N ALA A 50 -9.43 22.97 20.98
CA ALA A 50 -10.57 23.74 20.43
C ALA A 50 -10.86 23.55 18.93
N ARG A 51 -9.82 23.51 18.09
CA ARG A 51 -10.03 23.29 16.63
C ARG A 51 -10.71 21.97 16.26
N PHE A 52 -10.59 20.97 17.13
CA PHE A 52 -11.24 19.69 16.88
C PHE A 52 -12.72 19.94 16.64
N ALA A 53 -13.33 20.64 17.59
CA ALA A 53 -14.77 20.80 17.59
C ALA A 53 -15.25 21.57 16.37
N SER A 54 -14.48 22.58 15.96
CA SER A 54 -14.91 23.46 14.89
C SER A 54 -14.38 23.03 13.53
N HIS A 55 -13.65 21.92 13.47
CA HIS A 55 -13.05 21.51 12.19
C HIS A 55 -14.12 21.12 11.16
N PRO A 56 -14.10 21.79 10.01
CA PRO A 56 -15.16 21.66 9.01
C PRO A 56 -15.13 20.38 8.19
N GLN A 57 -14.20 19.49 8.44
CA GLN A 57 -13.99 18.36 7.52
C GLN A 57 -14.01 16.98 8.22
N GLN A 58 -14.30 15.93 7.46
CA GLN A 58 -14.32 14.59 8.04
C GLN A 58 -12.97 14.22 8.67
N SER A 59 -11.88 14.59 8.04
CA SER A 59 -10.57 14.32 8.65
C SER A 59 -9.64 15.56 8.73
N CYS A 60 -8.56 15.41 9.47
CA CYS A 60 -7.68 16.50 9.74
C CYS A 60 -6.28 15.98 9.53
N ILE A 61 -5.44 16.78 8.88
CA ILE A 61 -4.13 16.31 8.49
C ILE A 61 -3.04 17.04 9.24
N PHE A 62 -2.23 16.29 9.97
CA PHE A 62 -1.12 16.85 10.69
C PHE A 62 0.17 16.46 9.99
N ALA A 63 1.20 17.29 10.05
CA ALA A 63 2.47 16.91 9.45
C ALA A 63 3.59 17.29 10.38
N GLU A 64 4.51 16.37 10.63
CA GLU A 64 5.54 16.59 11.63
C GLU A 64 6.93 16.31 11.08
N THR A 65 7.88 17.19 11.41
CA THR A 65 9.28 16.96 11.11
C THR A 65 9.95 16.36 12.35
N GLY A 66 10.52 15.17 12.19
CA GLY A 66 11.19 14.53 13.31
C GLY A 66 10.23 13.84 14.24
N PHE A 67 9.81 12.64 13.86
CA PHE A 67 8.96 11.83 14.71
C PHE A 67 9.59 11.45 16.04
N GLY A 68 10.83 10.98 16.02
CA GLY A 68 11.51 10.51 17.22
C GLY A 68 10.81 9.35 17.92
N THR A 69 10.50 9.55 19.21
CA THR A 69 9.80 8.57 20.02
C THR A 69 8.28 8.68 19.94
N GLY A 70 7.76 9.61 19.13
CA GLY A 70 6.33 9.70 18.94
C GLY A 70 5.57 10.43 20.02
N LEU A 71 6.28 11.21 20.82
CA LEU A 71 5.60 12.01 21.86
C LEU A 71 4.48 12.92 21.33
N ASN A 72 4.79 13.72 20.31
CA ASN A 72 3.79 14.61 19.76
C ASN A 72 2.63 13.83 19.20
N PHE A 73 2.91 12.74 18.54
CA PHE A 73 1.87 12.00 17.90
C PHE A 73 0.92 11.43 18.94
N LEU A 74 1.51 10.86 19.99
CA LEU A 74 0.77 10.22 21.07
C LEU A 74 -0.04 11.19 21.89
N THR A 75 0.58 12.32 22.24
CA THR A 75 -0.15 13.40 22.92
C THR A 75 -1.35 13.83 22.08
N LEU A 76 -1.15 13.87 20.78
CA LEU A 76 -2.21 14.31 19.91
C LEU A 76 -3.31 13.23 19.84
N TRP A 77 -2.89 11.97 19.76
CA TRP A 77 -3.83 10.85 19.74
C TRP A 77 -4.72 10.92 20.97
N ARG A 78 -4.09 10.99 22.14
CA ARG A 78 -4.82 11.07 23.39
C ARG A 78 -5.91 12.13 23.36
N ASP A 79 -5.53 13.37 23.03
CA ASP A 79 -6.52 14.46 22.92
C ASP A 79 -7.63 14.25 21.89
N PHE A 80 -7.27 13.69 20.75
CA PHE A 80 -8.29 13.44 19.74
C PHE A 80 -9.23 12.31 20.21
N ALA A 81 -8.74 11.44 21.10
CA ALA A 81 -9.58 10.38 21.62
C ALA A 81 -10.62 10.95 22.61
N LEU A 82 -10.16 11.78 23.55
CA LEU A 82 -11.09 12.46 24.47
C LEU A 82 -12.19 13.18 23.68
N PHE A 83 -11.78 14.00 22.72
CA PHE A 83 -12.69 14.72 21.87
C PHE A 83 -13.77 13.84 21.22
N ARG A 84 -13.34 12.74 20.63
CA ARG A 84 -14.25 11.78 19.99
C ARG A 84 -15.24 11.14 20.96
N GLN A 85 -14.79 10.95 22.19
CA GLN A 85 -15.69 10.46 23.24
C GLN A 85 -16.72 11.52 23.60
N GLN A 86 -16.26 12.76 23.69
CA GLN A 86 -17.10 13.86 24.07
C GLN A 86 -18.14 14.13 23.01
N SER A 87 -17.70 14.30 21.78
CA SER A 87 -18.63 14.66 20.72
C SER A 87 -18.68 13.64 19.61
N PRO A 88 -19.33 12.48 19.84
CA PRO A 88 -19.35 11.44 18.79
C PRO A 88 -19.98 11.93 17.49
N ASN A 89 -20.65 13.08 17.53
CA ASN A 89 -21.43 13.57 16.39
C ASN A 89 -20.76 14.65 15.59
N ALA A 90 -19.56 15.07 15.97
CA ALA A 90 -18.85 16.15 15.32
C ALA A 90 -18.38 15.78 13.91
N THR A 91 -18.16 16.80 13.08
CA THR A 91 -17.71 16.59 11.71
C THR A 91 -16.44 15.75 11.64
N LEU A 92 -15.47 16.07 12.50
CA LEU A 92 -14.18 15.41 12.52
C LEU A 92 -14.21 13.99 13.11
N ARG A 93 -13.94 13.00 12.27
CA ARG A 93 -13.97 11.60 12.66
C ARG A 93 -12.59 10.96 12.49
N ARG A 94 -11.93 11.26 11.37
CA ARG A 94 -10.67 10.64 11.05
C ARG A 94 -9.46 11.55 11.27
N LEU A 95 -8.31 10.94 11.50
CA LEU A 95 -7.10 11.71 11.68
C LEU A 95 -5.97 11.12 10.85
N HIS A 96 -5.21 12.00 10.21
CA HIS A 96 -4.12 11.57 9.34
C HIS A 96 -2.83 12.30 9.75
N TYR A 97 -1.83 11.54 10.16
CA TYR A 97 -0.61 12.14 10.69
C TYR A 97 0.58 11.80 9.83
N ILE A 98 1.25 12.81 9.31
CA ILE A 98 2.37 12.54 8.40
C ILE A 98 3.66 12.97 9.02
N SER A 99 4.64 12.07 9.07
CA SER A 99 5.88 12.39 9.76
C SER A 99 7.20 11.86 9.14
N PHE A 100 8.23 12.68 9.24
CA PHE A 100 9.56 12.39 8.71
C PHE A 100 10.57 12.07 9.83
N GLU A 101 11.32 10.99 9.66
CA GLU A 101 12.36 10.69 10.62
C GLU A 101 13.61 10.14 9.95
N LYS A 102 14.73 10.85 10.09
CA LYS A 102 16.02 10.42 9.54
C LYS A 102 16.70 9.26 10.29
N TYR A 103 16.53 9.22 11.60
CA TYR A 103 17.14 8.18 12.46
C TYR A 103 16.10 7.36 13.24
N PRO A 104 15.31 6.58 12.52
CA PRO A 104 14.24 5.83 13.18
C PRO A 104 14.80 4.93 14.26
N LEU A 105 14.32 5.10 15.50
CA LEU A 105 14.72 4.28 16.65
C LEU A 105 14.24 2.84 16.55
N HIS A 106 14.74 1.97 17.39
CA HIS A 106 14.20 0.61 17.41
C HIS A 106 12.99 0.58 18.38
N VAL A 107 12.11 -0.40 18.22
CA VAL A 107 10.93 -0.49 19.09
C VAL A 107 11.29 -0.54 20.58
N ALA A 108 12.33 -1.27 20.96
CA ALA A 108 12.77 -1.30 22.37
C ALA A 108 13.09 0.11 22.92
N ASP A 109 13.95 0.84 22.20
CA ASP A 109 14.25 2.25 22.47
C ASP A 109 12.97 3.01 22.82
N LEU A 110 11.96 2.80 21.99
CA LEU A 110 10.69 3.47 22.07
C LEU A 110 9.95 3.11 23.36
N ALA A 111 9.95 1.81 23.68
CA ALA A 111 9.31 1.31 24.88
C ALA A 111 10.03 1.84 26.09
N SER A 112 11.34 1.98 25.97
CA SER A 112 12.10 2.47 27.11
C SER A 112 11.72 3.92 27.43
N ALA A 113 11.45 4.70 26.39
CA ALA A 113 11.25 6.13 26.53
C ALA A 113 9.84 6.41 26.99
N HIS A 114 8.92 5.62 26.48
CA HIS A 114 7.52 5.79 26.79
C HIS A 114 7.23 5.66 28.28
N ALA A 115 8.12 5.00 29.00
CA ALA A 115 7.97 4.89 30.45
C ALA A 115 7.89 6.26 31.15
N ARG A 116 8.42 7.31 30.52
CA ARG A 116 8.37 8.65 31.10
C ARG A 116 6.94 9.08 31.16
N TRP A 117 6.07 8.47 30.37
CA TRP A 117 4.69 8.96 30.30
C TRP A 117 3.66 7.84 30.44
N PRO A 118 3.43 7.37 31.69
CA PRO A 118 2.43 6.36 32.03
C PRO A 118 1.07 6.57 31.39
N GLU A 119 0.58 7.81 31.31
CA GLU A 119 -0.79 8.02 30.83
C GLU A 119 -0.97 7.96 29.32
N LEU A 120 0.13 7.88 28.59
CA LEU A 120 0.02 7.66 27.15
C LEU A 120 0.20 6.20 26.86
N ALA A 121 0.32 5.37 27.91
CA ALA A 121 0.67 3.95 27.75
C ALA A 121 -0.21 3.14 26.77
N SER A 122 -1.52 3.28 26.86
CA SER A 122 -2.38 2.50 25.99
C SER A 122 -2.21 2.88 24.53
N PHE A 123 -1.97 4.17 24.26
CA PHE A 123 -1.70 4.61 22.90
C PHE A 123 -0.31 4.17 22.50
N ALA A 124 0.64 4.44 23.37
CA ALA A 124 2.01 4.01 23.16
C ALA A 124 2.08 2.54 22.79
N GLU A 125 1.31 1.69 23.48
CA GLU A 125 1.33 0.23 23.26
C GLU A 125 0.90 -0.09 21.84
N GLN A 126 -0.22 0.50 21.43
CA GLN A 126 -0.76 0.31 20.10
C GLN A 126 0.22 0.73 18.97
N LEU A 127 0.93 1.83 19.18
CA LEU A 127 1.96 2.26 18.26
C LEU A 127 3.14 1.30 18.27
N ARG A 128 3.51 0.78 19.42
CA ARG A 128 4.65 -0.12 19.41
C ARG A 128 4.29 -1.46 18.80
N ALA A 129 3.02 -1.84 18.87
CA ALA A 129 2.60 -3.12 18.31
C ALA A 129 2.81 -3.11 16.78
N GLN A 130 3.04 -1.92 16.22
CA GLN A 130 3.13 -1.75 14.77
C GLN A 130 4.38 -1.03 14.25
N TRP A 131 5.32 -0.70 15.13
CA TRP A 131 6.53 -0.06 14.66
C TRP A 131 7.13 -0.88 13.53
N PRO A 132 7.47 -0.21 12.43
CA PRO A 132 8.03 -0.91 11.31
C PRO A 132 9.56 -1.04 11.39
N LEU A 133 10.11 -1.91 10.54
CA LEU A 133 11.56 -2.01 10.36
C LEU A 133 12.09 -0.69 9.77
N PRO A 134 13.37 -0.37 10.03
CA PRO A 134 13.92 0.93 9.57
C PRO A 134 14.30 0.90 8.10
N LEU A 135 13.35 0.65 7.23
CA LEU A 135 13.59 0.60 5.79
C LEU A 135 13.30 1.99 5.26
N ALA A 136 14.05 2.42 4.27
CA ALA A 136 13.82 3.74 3.71
C ALA A 136 12.40 3.86 3.11
N GLY A 137 11.84 5.08 3.13
CA GLY A 137 10.57 5.35 2.44
C GLY A 137 9.33 5.48 3.31
N CYS A 138 8.15 5.29 2.70
CA CYS A 138 6.90 5.53 3.39
C CYS A 138 6.29 4.25 3.91
N HIS A 139 5.82 4.32 5.15
CA HIS A 139 5.24 3.18 5.83
C HIS A 139 3.94 3.63 6.45
N ARG A 140 2.79 3.26 5.88
CA ARG A 140 1.49 3.69 6.41
C ARG A 140 0.99 2.74 7.48
N ILE A 141 0.70 3.30 8.64
CA ILE A 141 0.19 2.47 9.73
C ILE A 141 -1.26 2.82 10.05
N LEU A 142 -2.16 1.84 10.02
CA LEU A 142 -3.58 2.08 10.40
C LEU A 142 -3.79 1.80 11.88
N LEU A 143 -4.17 2.84 12.62
CA LEU A 143 -4.29 2.73 14.06
C LEU A 143 -5.66 3.12 14.50
N ALA A 144 -5.97 2.83 15.77
CA ALA A 144 -7.26 3.14 16.43
C ALA A 144 -8.43 2.71 15.57
N ASP A 145 -8.46 1.44 15.21
CA ASP A 145 -9.51 0.92 14.33
C ASP A 145 -9.70 1.84 13.14
N GLY A 146 -8.65 2.14 12.37
CA GLY A 146 -8.81 2.99 11.17
C GLY A 146 -9.34 4.43 11.33
N ALA A 147 -9.48 4.91 12.56
CA ALA A 147 -9.70 6.34 12.76
C ALA A 147 -8.38 7.12 12.61
N ILE A 148 -7.26 6.43 12.62
CA ILE A 148 -5.99 7.16 12.54
C ILE A 148 -5.01 6.53 11.56
N THR A 149 -4.62 7.36 10.58
CA THR A 149 -3.64 6.98 9.56
C THR A 149 -2.36 7.69 9.87
N LEU A 150 -1.32 6.90 10.13
CA LEU A 150 0.02 7.45 10.37
C LEU A 150 0.94 7.09 9.20
N ASP A 151 1.50 8.11 8.56
CA ASP A 151 2.50 7.89 7.52
C ASP A 151 3.86 8.21 8.08
N LEU A 152 4.69 7.18 8.17
CA LEU A 152 6.08 7.31 8.65
C LEU A 152 6.95 7.32 7.45
N TRP A 153 7.62 8.42 7.22
CA TRP A 153 8.56 8.46 6.16
C TRP A 153 9.97 8.40 6.76
N PHE A 154 10.65 7.28 6.55
CA PHE A 154 12.01 7.13 6.99
C PHE A 154 12.92 7.68 5.93
N GLY A 155 13.60 8.77 6.30
CA GLY A 155 14.69 9.36 5.53
C GLY A 155 14.90 10.80 5.97
N ASP A 156 15.95 11.42 5.42
CA ASP A 156 16.23 12.84 5.64
C ASP A 156 15.22 13.67 4.90
N VAL A 157 14.54 14.54 5.66
CA VAL A 157 13.40 15.31 5.16
C VAL A 157 13.79 16.14 3.95
N ASN A 158 14.92 16.83 4.04
CA ASN A 158 15.39 17.64 2.90
C ASN A 158 15.59 16.85 1.62
N THR A 159 15.90 15.58 1.73
CA THR A 159 16.02 14.78 0.54
C THR A 159 14.64 14.28 0.05
N LEU A 160 13.69 14.07 0.96
CA LEU A 160 12.45 13.42 0.58
C LEU A 160 11.48 14.38 -0.07
N LEU A 161 11.39 15.56 0.51
CA LEU A 161 10.49 16.60 0.03
C LEU A 161 10.40 16.73 -1.49
N PRO A 162 11.51 17.02 -2.18
CA PRO A 162 11.28 17.22 -3.61
C PRO A 162 10.67 16.00 -4.28
N THR A 163 10.93 14.81 -3.72
CA THR A 163 10.40 13.57 -4.29
C THR A 163 8.89 13.36 -4.12
N LEU A 164 8.25 14.09 -3.22
CA LEU A 164 6.86 13.78 -2.88
C LEU A 164 5.81 14.07 -3.96
N ASP A 165 4.63 13.47 -3.77
CA ASP A 165 3.47 13.59 -4.67
C ASP A 165 2.65 14.87 -4.53
N ASP A 166 1.82 15.15 -5.53
CA ASP A 166 0.97 16.33 -5.52
C ASP A 166 -0.10 16.25 -4.49
N SER A 167 -0.51 15.03 -4.16
CA SER A 167 -1.58 14.83 -3.20
C SER A 167 -1.19 15.39 -1.85
N LEU A 168 0.05 15.80 -1.70
CA LEU A 168 0.46 16.52 -0.51
C LEU A 168 0.27 18.05 -0.56
N ASN A 169 -0.07 18.61 -1.72
CA ASN A 169 -0.18 20.06 -1.88
C ASN A 169 -1.49 20.63 -1.33
N ASN A 170 -1.40 21.66 -0.50
CA ASN A 170 -2.61 22.31 0.06
C ASN A 170 -3.46 21.34 0.80
N GLN A 171 -2.83 20.59 1.69
CA GLN A 171 -3.45 19.44 2.28
C GLN A 171 -3.37 19.50 3.81
N VAL A 172 -2.26 20.02 4.31
CA VAL A 172 -1.94 19.97 5.74
C VAL A 172 -2.68 21.04 6.58
N ASP A 173 -3.34 20.58 7.63
CA ASP A 173 -4.07 21.47 8.53
C ASP A 173 -3.17 22.10 9.57
N ALA A 174 -2.23 21.33 10.08
CA ALA A 174 -1.34 21.75 11.15
C ALA A 174 0.05 21.08 11.05
N TRP A 175 1.11 21.89 11.12
CA TRP A 175 2.48 21.37 11.15
C TRP A 175 2.96 21.28 12.58
N PHE A 176 3.76 20.27 12.87
CA PHE A 176 4.51 20.21 14.11
C PHE A 176 5.95 20.31 13.70
N LEU A 177 6.49 21.53 13.76
CA LEU A 177 7.84 21.74 13.28
C LEU A 177 8.81 21.56 14.43
N ASP A 178 9.18 20.31 14.65
CA ASP A 178 10.13 19.92 15.68
C ASP A 178 11.42 19.49 14.99
N GLY A 179 12.43 19.17 15.78
CA GLY A 179 13.70 18.67 15.27
C GLY A 179 14.77 19.02 16.28
N PHE A 180 16.03 18.85 15.90
CA PHE A 180 17.11 19.27 16.78
C PHE A 180 17.03 20.80 17.00
N ALA A 181 17.69 21.31 18.05
CA ALA A 181 17.70 22.75 18.25
C ALA A 181 18.57 23.41 17.16
N PRO A 182 18.04 24.45 16.51
CA PRO A 182 18.71 25.12 15.39
C PRO A 182 20.19 25.48 15.64
N ALA A 183 20.53 25.93 16.85
CA ALA A 183 21.92 26.23 17.26
C ALA A 183 22.80 24.98 17.41
N LYS A 184 22.29 23.93 18.06
CA LYS A 184 23.00 22.64 18.16
C LYS A 184 23.13 21.92 16.81
N ASN A 185 22.21 22.23 15.88
CA ASN A 185 22.22 21.69 14.51
C ASN A 185 21.16 22.32 13.58
N PRO A 186 21.62 23.19 12.67
CA PRO A 186 20.82 23.98 11.71
C PRO A 186 20.58 23.32 10.35
N ASP A 187 21.02 22.08 10.19
CA ASP A 187 21.02 21.40 8.89
C ASP A 187 19.65 21.20 8.26
N TRP A 189 16.74 23.20 9.22
CA TRP A 189 15.98 24.42 9.19
C TRP A 189 16.45 25.31 8.07
N ASN A 190 16.05 24.99 6.85
CA ASN A 190 16.41 25.80 5.70
C ASN A 190 15.19 26.28 4.93
N GLU A 191 15.45 27.15 3.96
CA GLU A 191 14.39 27.76 3.15
C GLU A 191 13.66 26.72 2.32
N GLN A 192 14.42 25.74 1.82
CA GLN A 192 13.85 24.62 1.08
C GLN A 192 12.76 23.90 1.91
N LEU A 193 13.03 23.70 3.20
CA LEU A 193 12.06 23.08 4.09
C LEU A 193 10.84 23.95 4.29
N PHE A 194 11.09 25.22 4.62
CA PHE A 194 10.00 26.12 4.94
C PHE A 194 9.07 26.28 3.78
N ASN A 195 9.63 26.45 2.58
CA ASN A 195 8.84 26.52 1.35
C ASN A 195 7.98 25.28 1.12
N ALA A 196 8.58 24.08 1.14
CA ALA A 196 7.79 22.87 0.97
C ALA A 196 6.67 22.80 1.98
N ALA A 198 4.96 25.16 3.40
CA ALA A 198 3.96 26.14 3.04
C ALA A 198 3.19 25.66 1.85
N ARG A 199 3.90 25.02 0.94
CA ARG A 199 3.33 24.46 -0.28
C ARG A 199 2.36 23.32 0.06
N THR A 201 0.64 23.12 2.91
CA THR A 201 -0.34 23.55 3.89
C THR A 201 -1.69 23.97 3.27
N ARG A 202 -2.79 23.54 3.89
CA ARG A 202 -4.14 23.99 3.50
C ARG A 202 -4.31 25.47 3.89
N PRO A 203 -4.94 26.30 3.02
CA PRO A 203 -5.14 27.70 3.39
C PRO A 203 -5.94 27.81 4.66
N GLY A 204 -5.49 28.63 5.60
CA GLY A 204 -6.09 28.63 6.94
C GLY A 204 -5.30 27.78 7.93
N GLY A 205 -4.55 26.81 7.40
CA GLY A 205 -3.73 25.90 8.19
C GLY A 205 -2.60 26.62 8.90
N THR A 206 -1.87 25.89 9.73
CA THR A 206 -1.01 26.52 10.69
C THR A 206 0.23 25.68 10.96
N PHE A 207 1.18 26.26 11.68
CA PHE A 207 2.37 25.55 12.11
C PHE A 207 2.71 26.05 13.51
N SER A 208 3.54 25.31 14.22
CA SER A 208 4.17 25.87 15.39
C SER A 208 5.49 25.15 15.58
N THR A 209 6.38 25.81 16.27
CA THR A 209 7.69 25.26 16.51
C THR A 209 8.18 25.74 17.87
N PHE A 210 9.06 24.96 18.49
CA PHE A 210 9.57 25.29 19.82
C PHE A 210 10.58 26.41 19.75
N THR A 211 11.27 26.52 18.63
CA THR A 211 12.34 27.49 18.53
C THR A 211 11.84 28.87 18.18
N ALA A 212 12.76 29.84 18.31
CA ALA A 212 12.44 31.26 18.24
C ALA A 212 13.38 32.00 17.31
N ALA A 213 14.43 31.29 16.90
CA ALA A 213 15.53 31.83 16.11
C ALA A 213 15.08 32.69 14.93
N GLY A 214 15.62 33.90 14.86
CA GLY A 214 15.33 34.85 13.79
C GLY A 214 15.27 34.27 12.38
N PHE A 215 16.27 33.51 11.96
CA PHE A 215 16.26 33.05 10.56
C PHE A 215 15.13 32.10 10.25
N VAL A 216 14.63 31.42 11.29
CA VAL A 216 13.44 30.62 11.15
C VAL A 216 12.25 31.55 10.97
N ARG A 217 12.12 32.57 11.83
CA ARG A 217 11.06 33.57 11.71
C ARG A 217 10.98 34.01 10.27
N ARG A 218 12.11 34.50 9.77
CA ARG A 218 12.17 35.10 8.43
C ARG A 218 12.01 34.04 7.39
N GLY A 219 12.59 32.87 7.62
CA GLY A 219 12.48 31.73 6.69
C GLY A 219 11.05 31.27 6.45
N LEU A 220 10.23 31.30 7.50
CA LEU A 220 8.85 30.86 7.36
C LEU A 220 7.99 31.97 6.77
N GLN A 221 8.20 33.19 7.23
CA GLN A 221 7.52 34.33 6.66
C GLN A 221 7.68 34.38 5.11
N GLN A 222 8.91 34.39 4.59
CA GLN A 222 9.07 34.45 3.14
C GLN A 222 8.52 33.22 2.42
N ALA A 223 8.34 32.13 3.15
CA ALA A 223 7.72 30.95 2.58
C ALA A 223 6.24 31.18 2.36
N GLY A 224 5.64 32.06 3.15
CA GLY A 224 4.26 32.44 2.90
C GLY A 224 3.33 32.41 4.09
N PHE A 225 3.91 32.31 5.28
CA PHE A 225 3.12 32.28 6.50
C PHE A 225 3.11 33.65 7.17
N ASN A 226 2.03 33.95 7.88
CA ASN A 226 1.99 35.06 8.80
C ASN A 226 2.44 34.54 10.16
N VAL A 227 3.61 34.99 10.61
CA VAL A 227 4.25 34.44 11.81
C VAL A 227 4.00 35.30 13.05
N THR A 228 3.70 34.65 14.18
CA THR A 228 3.55 35.30 15.49
C THR A 228 4.58 34.75 16.49
N LYS A 229 5.28 35.65 17.18
CA LYS A 229 6.16 35.23 18.29
C LYS A 229 5.40 35.24 19.61
N VAL A 230 5.44 34.10 20.31
CA VAL A 230 4.73 33.92 21.58
C VAL A 230 5.64 33.27 22.61
N LYS A 231 5.26 33.34 23.89
CA LYS A 231 6.09 32.81 24.98
C LYS A 231 5.95 31.30 25.06
N GLY A 232 7.06 30.61 25.29
CA GLY A 232 7.07 29.17 25.42
C GLY A 232 6.57 28.75 26.80
N PHE A 233 6.63 27.45 27.08
CA PHE A 233 6.13 26.91 28.34
C PHE A 233 6.91 27.48 29.52
N GLY A 234 6.18 27.97 30.54
CA GLY A 234 6.79 28.62 31.70
C GLY A 234 7.81 29.69 31.34
N GLN A 235 7.49 30.48 30.30
CA GLN A 235 8.33 31.58 29.77
C GLN A 235 9.85 31.31 29.76
N LYS A 236 10.22 30.04 29.61
CA LYS A 236 11.62 29.64 29.63
C LYS A 236 12.34 30.04 28.34
N ARG A 237 11.77 29.68 27.20
CA ARG A 237 12.29 30.09 25.88
C ARG A 237 11.10 30.54 25.02
N GLU A 238 11.37 31.30 23.96
CA GLU A 238 10.28 31.76 23.11
C GLU A 238 10.09 30.84 21.90
N LEU A 240 7.32 30.08 18.08
CA LEU A 240 6.64 30.67 16.94
C LEU A 240 5.46 29.82 16.46
N THR A 241 4.45 30.51 15.91
CA THR A 241 3.24 29.91 15.35
C THR A 241 2.93 30.71 14.09
N GLY A 242 2.10 30.18 13.20
CA GLY A 242 1.77 30.89 11.99
C GLY A 242 0.57 30.31 11.28
N THR A 243 0.10 31.00 10.25
CA THR A 243 -1.05 30.54 9.48
C THR A 243 -0.70 30.79 8.05
N LEU A 244 -1.19 29.94 7.15
CA LEU A 244 -1.08 30.20 5.73
C LEU A 244 -2.34 30.96 5.31
N PRO A 245 -2.19 32.26 5.01
CA PRO A 245 -3.33 33.04 4.56
C PRO A 245 -3.78 32.67 3.15
N GLN A 246 -2.87 32.43 2.23
CA GLN A 246 -3.31 32.03 0.89
C GLN A 246 -2.63 30.80 0.34
N GLN A 247 -3.41 29.98 -0.35
CA GLN A 247 -2.90 28.79 -1.05
C GLN A 247 -1.70 29.09 -1.93
N ILE A 248 -0.62 28.35 -1.76
CA ILE A 248 0.52 28.52 -2.66
C ILE A 248 0.29 27.76 -3.96
N HIS A 249 0.72 28.32 -5.08
CA HIS A 249 0.50 27.69 -6.38
C HIS A 249 1.72 26.94 -6.80
N ALA A 250 1.77 25.72 -6.28
CA ALA A 250 2.93 24.83 -6.36
C ALA A 250 3.30 24.29 -7.75
N PRO A 251 4.61 23.95 -7.92
CA PRO A 251 5.12 22.94 -8.83
C PRO A 251 4.19 21.72 -8.81
N THR A 252 3.69 21.36 -9.98
CA THR A 252 2.58 20.44 -10.11
C THR A 252 2.84 19.50 -11.29
N ALA A 253 2.16 18.35 -11.36
CA ALA A 253 2.41 17.40 -12.47
C ALA A 253 1.15 16.82 -13.13
N PRO A 254 0.33 17.69 -13.76
CA PRO A 254 -1.02 17.38 -14.24
C PRO A 254 -1.18 16.05 -15.03
N TRP A 255 -0.17 15.65 -15.80
CA TRP A 255 -0.29 14.48 -16.69
C TRP A 255 -0.51 13.17 -15.93
N TYR A 256 0.07 13.09 -14.74
CA TYR A 256 -0.15 11.95 -13.86
C TYR A 256 -1.05 12.32 -12.69
N HIS A 257 -2.04 13.18 -12.94
CA HIS A 257 -2.94 13.63 -11.90
C HIS A 257 -3.86 12.50 -11.40
N ARG A 258 -3.97 12.41 -10.08
CA ARG A 258 -4.86 11.42 -9.43
C ARG A 258 -6.09 12.09 -8.80
N PRO A 259 -7.19 12.19 -9.54
CA PRO A 259 -8.38 12.90 -9.08
C PRO A 259 -9.23 12.07 -8.14
N ALA A 260 -9.97 12.75 -7.29
CA ALA A 260 -10.87 12.09 -6.37
C ALA A 260 -12.19 11.78 -7.05
N ALA A 261 -12.95 10.87 -6.45
CA ALA A 261 -14.34 10.66 -6.87
C ALA A 261 -15.14 11.79 -6.25
N THR A 262 -16.21 12.25 -6.91
CA THR A 262 -17.03 13.31 -6.32
C THR A 262 -18.01 12.77 -5.28
N ARG A 263 -18.51 11.55 -5.50
CA ARG A 263 -19.45 10.98 -4.55
C ARG A 263 -18.99 9.62 -4.06
N CYS A 264 -18.78 9.47 -2.76
CA CYS A 264 -18.43 8.16 -2.22
C CYS A 264 -19.57 7.51 -1.42
N ASP A 265 -20.74 8.15 -1.51
CA ASP A 265 -21.96 7.64 -0.89
C ASP A 265 -22.60 6.52 -1.72
N ASP A 266 -22.21 6.43 -3.00
CA ASP A 266 -22.77 5.43 -3.91
C ASP A 266 -21.72 4.79 -4.83
N ILE A 267 -21.19 3.64 -4.42
CA ILE A 267 -20.13 2.99 -5.17
C ILE A 267 -20.38 1.50 -5.39
N ALA A 268 -20.07 1.04 -6.59
CA ALA A 268 -20.15 -0.38 -6.90
C ALA A 268 -18.80 -0.86 -7.33
N ILE A 269 -18.41 -2.03 -6.83
CA ILE A 269 -17.23 -2.66 -7.35
C ILE A 269 -17.67 -3.81 -8.24
N ILE A 270 -17.04 -3.93 -9.40
CA ILE A 270 -17.21 -5.12 -10.21
C ILE A 270 -15.98 -6.01 -10.00
N GLY A 271 -16.16 -7.18 -9.40
CA GLY A 271 -15.04 -8.05 -9.10
C GLY A 271 -15.41 -9.26 -8.29
N GLY A 272 -14.93 -9.35 -7.06
CA GLY A 272 -15.16 -10.52 -6.23
C GLY A 272 -13.89 -11.28 -5.94
N GLY A 273 -12.76 -10.68 -6.29
CA GLY A 273 -11.44 -11.25 -5.98
C GLY A 273 -10.75 -10.48 -4.86
N ILE A 274 -9.62 -11.00 -4.42
CA ILE A 274 -8.84 -10.45 -3.30
C ILE A 274 -8.79 -8.91 -3.25
N VAL A 275 -8.48 -8.30 -4.40
CA VAL A 275 -8.33 -6.84 -4.43
C VAL A 275 -9.66 -6.09 -4.18
N SER A 276 -10.80 -6.77 -4.38
CA SER A 276 -12.12 -6.20 -4.11
C SER A 276 -12.35 -6.17 -2.62
N ALA A 277 -12.12 -7.29 -1.95
CA ALA A 277 -12.35 -7.32 -0.53
C ALA A 277 -11.60 -6.14 0.12
N LEU A 278 -10.30 -6.08 -0.13
CA LEU A 278 -9.43 -5.01 0.41
C LEU A 278 -9.89 -3.61 0.00
N THR A 279 -10.23 -3.45 -1.27
CA THR A 279 -10.72 -2.16 -1.75
C THR A 279 -11.98 -1.72 -1.01
N ALA A 280 -12.89 -2.67 -0.84
CA ALA A 280 -14.15 -2.45 -0.12
C ALA A 280 -13.86 -1.98 1.28
N LEU A 281 -12.99 -2.76 1.93
CA LEU A 281 -12.65 -2.55 3.33
C LEU A 281 -12.05 -1.17 3.51
N ALA A 282 -11.15 -0.77 2.61
CA ALA A 282 -10.45 0.49 2.81
C ALA A 282 -11.37 1.69 2.58
N LEU A 283 -12.47 1.47 1.87
CA LEU A 283 -13.45 2.54 1.64
C LEU A 283 -14.44 2.63 2.79
N GLN A 284 -14.72 1.51 3.43
CA GLN A 284 -15.62 1.53 4.59
C GLN A 284 -14.92 2.10 5.85
N ARG A 285 -13.61 2.30 5.82
CA ARG A 285 -12.93 2.90 6.94
C ARG A 285 -13.25 4.38 6.93
N ARG A 286 -13.42 4.89 5.73
CA ARG A 286 -13.71 6.28 5.53
C ARG A 286 -15.22 6.51 5.48
N GLY A 287 -16.01 5.42 5.55
CA GLY A 287 -17.47 5.57 5.58
C GLY A 287 -18.15 5.65 4.22
N ALA A 288 -17.47 5.17 3.18
CA ALA A 288 -18.09 5.04 1.87
C ALA A 288 -19.15 3.98 1.97
N VAL A 289 -20.13 4.04 1.07
CA VAL A 289 -21.11 2.99 0.97
C VAL A 289 -20.77 2.30 -0.31
N VAL A 290 -20.61 0.99 -0.22
CA VAL A 290 -20.10 0.21 -1.33
C VAL A 290 -20.97 -1.00 -1.58
N THR A 291 -21.09 -1.38 -2.85
CA THR A 291 -21.90 -2.51 -3.29
C THR A 291 -21.11 -3.39 -4.23
N LEU A 292 -21.25 -4.70 -4.06
CA LEU A 292 -20.47 -5.66 -4.83
C LEU A 292 -21.27 -6.40 -5.90
N TYR A 293 -20.73 -6.41 -7.11
CA TYR A 293 -21.31 -7.19 -8.20
C TYR A 293 -20.34 -8.24 -8.75
N CYS A 294 -20.57 -9.49 -8.38
CA CYS A 294 -19.67 -10.58 -8.74
C CYS A 294 -20.27 -11.55 -9.75
N ALA A 295 -19.53 -11.78 -10.85
CA ALA A 295 -19.98 -12.68 -11.91
C ALA A 295 -20.25 -14.10 -11.42
N ASP A 296 -19.56 -14.53 -10.37
CA ASP A 296 -19.65 -15.92 -9.91
C ASP A 296 -20.60 -16.09 -8.72
N ALA A 297 -20.96 -17.35 -8.45
CA ALA A 297 -21.85 -17.66 -7.32
C ALA A 297 -21.17 -17.37 -6.00
N GLN A 298 -19.84 -17.31 -6.04
CA GLN A 298 -19.03 -17.07 -4.87
C GLN A 298 -17.90 -16.09 -5.18
N PRO A 299 -17.37 -15.43 -4.14
CA PRO A 299 -16.16 -14.68 -4.42
C PRO A 299 -14.98 -15.67 -4.57
N ALA A 300 -13.87 -15.16 -5.12
CA ALA A 300 -12.61 -15.89 -5.20
C ALA A 300 -12.69 -17.08 -6.09
N GLN A 301 -13.56 -17.02 -7.08
CA GLN A 301 -13.61 -18.10 -8.08
C GLN A 301 -12.76 -17.71 -9.32
N GLY A 302 -12.11 -16.55 -9.24
CA GLY A 302 -11.30 -16.08 -10.34
C GLY A 302 -9.87 -16.53 -10.13
N ALA A 303 -8.93 -15.59 -10.08
CA ALA A 303 -7.54 -16.00 -9.85
C ALA A 303 -7.13 -16.00 -8.36
N SER A 304 -7.96 -15.44 -7.49
CA SER A 304 -7.68 -15.35 -6.05
C SER A 304 -8.03 -16.62 -5.28
N GLY A 305 -8.24 -17.71 -6.01
CA GLY A 305 -8.85 -18.90 -5.44
C GLY A 305 -7.98 -20.12 -5.22
N ASN A 306 -6.66 -19.96 -5.22
CA ASN A 306 -5.74 -21.06 -4.95
C ASN A 306 -5.74 -21.49 -3.47
N ARG A 307 -5.23 -22.68 -3.23
CA ARG A 307 -5.10 -23.18 -1.88
C ARG A 307 -3.98 -22.53 -1.07
N GLN A 308 -2.82 -22.27 -1.70
CA GLN A 308 -1.64 -21.71 -1.02
C GLN A 308 -0.84 -20.91 -2.02
N GLY A 309 -0.59 -19.65 -1.65
CA GLY A 309 0.13 -18.72 -2.48
C GLY A 309 1.30 -18.12 -1.74
N ALA A 310 2.38 -17.81 -2.45
CA ALA A 310 3.53 -17.20 -1.83
C ALA A 310 3.38 -15.68 -1.60
N LEU A 311 3.98 -15.21 -0.52
CA LEU A 311 3.96 -13.81 -0.20
C LEU A 311 5.36 -13.40 0.19
N TYR A 312 5.98 -12.59 -0.68
CA TYR A 312 7.33 -12.07 -0.47
C TYR A 312 7.55 -10.85 -1.35
N PRO A 313 8.60 -10.07 -1.08
CA PRO A 313 8.75 -8.89 -1.91
C PRO A 313 9.54 -9.14 -3.17
N LEU A 314 9.31 -8.31 -4.18
CA LEU A 314 10.09 -8.37 -5.39
C LEU A 314 11.13 -7.26 -5.33
N LEU A 315 12.39 -7.68 -5.16
CA LEU A 315 13.52 -6.76 -5.10
C LEU A 315 14.33 -6.89 -6.36
N ASN A 316 15.14 -5.88 -6.64
CA ASN A 316 15.89 -5.85 -7.87
C ASN A 316 17.19 -5.07 -7.72
N GLY A 317 17.38 -4.44 -6.57
CA GLY A 317 18.62 -3.71 -6.26
C GLY A 317 18.84 -2.42 -7.06
N LYS A 318 17.84 -2.03 -7.82
CA LYS A 318 17.96 -0.83 -8.65
C LYS A 318 17.47 0.41 -7.96
N ASN A 319 16.80 0.25 -6.83
CA ASN A 319 16.12 1.35 -6.21
C ASN A 319 15.18 2.12 -7.16
N ASP A 320 14.49 1.42 -8.06
CA ASP A 320 13.47 2.04 -8.95
C ASP A 320 12.04 2.07 -8.37
N ALA A 321 11.07 2.45 -9.21
CA ALA A 321 9.66 2.51 -8.81
C ALA A 321 9.20 1.15 -8.27
N LEU A 322 9.53 0.10 -9.00
CA LEU A 322 9.12 -1.25 -8.64
C LEU A 322 9.57 -1.67 -7.22
N GLU A 323 10.89 -1.69 -6.99
CA GLU A 323 11.44 -2.01 -5.69
C GLU A 323 10.82 -1.17 -4.59
N THR A 324 10.85 0.14 -4.77
CA THR A 324 10.29 1.05 -3.80
C THR A 324 8.86 0.67 -3.48
N PHE A 325 8.05 0.47 -4.52
CA PHE A 325 6.68 0.04 -4.31
C PHE A 325 6.64 -1.27 -3.50
N PHE A 326 7.34 -2.30 -3.99
CA PHE A 326 7.28 -3.60 -3.36
C PHE A 326 7.83 -3.65 -1.94
N THR A 327 8.71 -2.70 -1.63
CA THR A 327 9.26 -2.57 -0.27
C THR A 327 8.19 -2.09 0.69
N SER A 328 7.38 -1.12 0.26
CA SER A 328 6.28 -0.68 1.11
C SER A 328 5.14 -1.69 1.09
N ALA A 329 4.80 -2.19 -0.10
CA ALA A 329 3.64 -3.07 -0.21
C ALA A 329 3.83 -4.32 0.67
N PHE A 330 4.99 -4.95 0.59
CA PHE A 330 5.24 -6.16 1.38
C PHE A 330 5.04 -5.91 2.88
N THR A 331 5.71 -4.92 3.41
CA THR A 331 5.63 -4.68 4.85
C THR A 331 4.23 -4.29 5.29
N PHE A 332 3.62 -3.41 4.52
CA PHE A 332 2.23 -3.04 4.70
C PHE A 332 1.35 -4.29 4.70
N ALA A 333 1.43 -5.07 3.64
CA ALA A 333 0.70 -6.34 3.58
C ALA A 333 0.79 -7.24 4.87
N ARG A 334 1.99 -7.45 5.38
CA ARG A 334 2.11 -8.29 6.59
C ARG A 334 1.43 -7.64 7.80
N ARG A 335 1.61 -6.31 7.93
CA ARG A 335 0.99 -5.52 8.98
C ARG A 335 -0.51 -5.72 8.94
N GLN A 336 -1.11 -5.43 7.80
CA GLN A 336 -2.55 -5.54 7.69
C GLN A 336 -3.00 -6.98 7.95
N TYR A 337 -2.35 -7.96 7.34
CA TYR A 337 -2.78 -9.33 7.58
C TYR A 337 -2.64 -9.73 9.05
N ASP A 338 -1.75 -9.09 9.78
CA ASP A 338 -1.57 -9.41 11.18
C ASP A 338 -2.67 -8.74 12.00
N GLN A 339 -2.96 -7.48 11.68
CA GLN A 339 -4.04 -6.76 12.33
C GLN A 339 -5.33 -7.51 12.14
N LEU A 340 -5.57 -7.93 10.90
CA LEU A 340 -6.77 -8.70 10.61
C LEU A 340 -6.80 -9.92 11.53
N LEU A 341 -5.72 -10.69 11.49
CA LEU A 341 -5.55 -11.83 12.38
C LEU A 341 -5.83 -11.53 13.86
N GLU A 342 -5.36 -10.42 14.36
CA GLU A 342 -5.56 -10.14 15.78
C GLU A 342 -7.03 -9.83 16.08
N GLN A 343 -7.82 -9.61 15.03
CA GLN A 343 -9.21 -9.21 15.19
C GLN A 343 -10.16 -10.35 14.90
N GLY A 344 -9.64 -11.57 14.84
CA GLY A 344 -10.46 -12.76 14.74
C GLY A 344 -10.71 -13.34 13.38
N ILE A 345 -10.42 -12.59 12.32
CA ILE A 345 -10.49 -13.06 10.92
C ILE A 345 -9.60 -14.31 10.71
N ALA A 346 -10.09 -15.35 10.03
CA ALA A 346 -9.31 -16.61 9.98
C ALA A 346 -9.02 -17.05 8.56
N PHE A 347 -7.72 -17.33 8.32
CA PHE A 347 -7.29 -17.94 7.08
C PHE A 347 -6.01 -18.73 7.31
N ASP A 348 -5.96 -19.90 6.71
CA ASP A 348 -4.77 -20.71 6.72
C ASP A 348 -3.60 -19.90 6.12
N HIS A 349 -2.43 -20.07 6.73
CA HIS A 349 -1.30 -19.26 6.36
C HIS A 349 -0.16 -19.55 7.31
N GLN A 350 1.09 -19.46 6.85
CA GLN A 350 2.21 -19.45 7.80
C GLN A 350 3.22 -18.40 7.39
N TRP A 351 3.65 -17.57 8.32
CA TRP A 351 4.76 -16.74 8.01
C TRP A 351 6.01 -17.54 8.37
N CYS A 352 6.31 -18.50 7.51
CA CYS A 352 7.40 -19.44 7.69
C CYS A 352 8.68 -18.94 7.02
N GLY A 353 8.62 -17.78 6.40
CA GLY A 353 9.76 -17.32 5.63
C GLY A 353 9.78 -17.91 4.26
N VAL A 354 10.20 -17.12 3.30
CA VAL A 354 10.33 -17.59 1.94
C VAL A 354 11.81 -17.60 1.54
N SER A 355 12.27 -18.74 1.01
CA SER A 355 13.62 -18.90 0.49
C SER A 355 13.71 -18.91 -1.04
N GLN A 356 14.44 -17.94 -1.58
CA GLN A 356 14.58 -17.81 -3.04
C GLN A 356 15.93 -18.31 -3.50
N LEU A 357 15.93 -19.23 -4.46
CA LEU A 357 17.13 -19.98 -4.78
C LEU A 357 17.84 -19.51 -6.04
N ALA A 358 19.16 -19.55 -6.00
CA ALA A 358 20.00 -19.16 -7.09
C ALA A 358 20.32 -20.46 -7.76
N PHE A 359 19.53 -20.82 -8.76
CA PHE A 359 19.62 -22.15 -9.35
C PHE A 359 20.21 -22.09 -10.74
N ASP A 360 20.67 -20.92 -11.09
CA ASP A 360 20.74 -20.55 -12.48
C ASP A 360 21.79 -19.51 -12.56
N ASP A 361 22.44 -19.43 -13.70
CA ASP A 361 23.30 -18.28 -13.95
C ASP A 361 22.43 -16.99 -13.86
N LYS A 362 21.26 -17.04 -14.50
CA LYS A 362 20.35 -15.90 -14.53
C LYS A 362 19.79 -15.50 -13.17
N SER A 363 19.34 -16.48 -12.39
CA SER A 363 18.72 -16.19 -11.09
C SER A 363 19.76 -15.76 -10.08
N ARG A 364 20.94 -16.40 -10.17
CA ARG A 364 22.02 -16.08 -9.27
C ARG A 364 22.44 -14.64 -9.50
N GLY A 365 22.43 -14.21 -10.75
CA GLY A 365 22.77 -12.83 -11.09
C GLY A 365 21.76 -11.86 -10.55
N LYS A 366 20.48 -12.21 -10.65
CA LYS A 366 19.41 -11.40 -10.11
C LYS A 366 19.53 -11.23 -8.59
N ILE A 367 19.83 -12.32 -7.90
CA ILE A 367 19.91 -12.29 -6.44
C ILE A 367 21.12 -11.50 -6.04
N GLU A 368 22.19 -11.68 -6.79
CA GLU A 368 23.38 -10.91 -6.57
C GLU A 368 23.10 -9.40 -6.70
N LYS A 369 22.31 -8.98 -7.69
CA LYS A 369 22.00 -7.55 -7.82
C LYS A 369 21.10 -7.05 -6.68
N LEU A 371 21.04 -7.95 -3.63
CA LEU A 371 21.87 -7.87 -2.45
C LEU A 371 22.85 -6.73 -2.45
N HIS A 372 22.71 -5.82 -3.41
CA HIS A 372 23.57 -4.64 -3.39
C HIS A 372 23.07 -3.58 -2.43
N THR A 373 21.78 -3.26 -2.47
CA THR A 373 21.19 -2.47 -1.40
C THR A 373 21.41 -3.19 -0.03
N GLN A 374 21.61 -2.44 1.04
CA GLN A 374 21.93 -3.06 2.35
C GLN A 374 20.67 -3.22 3.22
N TRP A 375 20.03 -4.36 3.11
CA TRP A 375 18.76 -4.61 3.76
C TRP A 375 18.93 -5.03 5.21
N PRO A 376 17.94 -4.74 6.05
CA PRO A 376 17.95 -5.35 7.39
C PRO A 376 17.69 -6.84 7.27
N VAL A 377 18.44 -7.65 8.00
CA VAL A 377 18.26 -9.09 7.86
C VAL A 377 16.85 -9.54 8.15
N GLU A 378 16.11 -8.75 8.92
CA GLU A 378 14.71 -9.01 9.22
C GLU A 378 13.81 -8.81 7.98
N PHE A 379 14.36 -8.23 6.93
CA PHE A 379 13.63 -8.01 5.68
C PHE A 379 14.03 -8.99 4.60
N ALA A 380 15.34 -9.12 4.41
CA ALA A 380 15.93 -9.93 3.35
C ALA A 380 17.40 -10.15 3.68
N GLU A 381 17.90 -11.35 3.40
CA GLU A 381 19.22 -11.72 3.81
C GLU A 381 19.82 -12.77 2.88
N ALA A 382 21.03 -12.51 2.40
CA ALA A 382 21.81 -13.54 1.69
C ALA A 382 22.15 -14.66 2.64
N SER A 384 23.76 -18.98 2.49
CA SER A 384 24.41 -20.07 1.76
C SER A 384 23.49 -21.28 1.65
N ARG A 385 23.87 -22.22 0.78
CA ARG A 385 23.14 -23.47 0.69
C ARG A 385 22.89 -24.09 2.04
N GLU A 386 23.88 -24.06 2.90
CA GLU A 386 23.84 -24.82 4.11
C GLU A 386 22.94 -24.13 5.13
N GLN A 387 22.94 -22.80 5.12
CA GLN A 387 22.08 -22.06 6.05
C GLN A 387 20.60 -22.25 5.66
N LEU A 388 20.29 -21.96 4.40
CA LEU A 388 18.96 -22.22 3.86
C LEU A 388 18.53 -23.65 4.09
N SER A 389 19.45 -24.60 3.98
CA SER A 389 19.02 -25.97 4.19
C SER A 389 18.75 -26.21 5.68
N GLU A 390 19.51 -25.53 6.54
CA GLU A 390 19.34 -25.68 7.98
C GLU A 390 17.94 -25.21 8.36
N LEU A 391 17.59 -24.01 7.88
CA LEU A 391 16.24 -23.44 8.04
C LEU A 391 15.13 -24.28 7.45
N ALA A 392 15.37 -24.83 6.27
CA ALA A 392 14.33 -25.40 5.45
C ALA A 392 13.91 -26.75 5.96
N GLY A 393 14.85 -27.53 6.45
CA GLY A 393 14.56 -28.86 6.92
C GLY A 393 14.99 -29.88 5.91
N LEU A 394 15.25 -29.41 4.69
CA LEU A 394 15.69 -30.24 3.54
C LEU A 394 16.78 -29.51 2.84
N ASP A 395 17.68 -30.26 2.21
CA ASP A 395 18.76 -29.70 1.45
C ASP A 395 18.17 -28.92 0.28
N CYS A 396 18.52 -27.65 0.25
CA CYS A 396 18.05 -26.71 -0.75
C CYS A 396 18.86 -26.65 -2.05
N ALA A 397 19.94 -27.43 -2.13
CA ALA A 397 20.74 -27.57 -3.36
C ALA A 397 21.51 -26.33 -3.83
N HIS A 398 21.13 -25.14 -3.36
CA HIS A 398 21.72 -23.90 -3.81
C HIS A 398 21.74 -22.83 -2.69
N ASP A 399 22.64 -21.88 -2.79
CA ASP A 399 22.47 -20.74 -1.92
C ASP A 399 21.47 -19.76 -2.53
N GLY A 400 21.11 -18.73 -1.78
CA GLY A 400 20.10 -17.80 -2.23
C GLY A 400 19.85 -16.69 -1.22
N ILE A 401 18.60 -16.23 -1.20
CA ILE A 401 18.17 -15.12 -0.37
C ILE A 401 16.94 -15.50 0.51
N HIS A 402 16.98 -15.14 1.79
CA HIS A 402 15.89 -15.49 2.70
C HIS A 402 15.01 -14.29 3.05
N TYR A 403 13.68 -14.46 3.02
CA TYR A 403 12.75 -13.40 3.42
C TYR A 403 12.01 -13.84 4.69
N PRO A 404 12.54 -13.47 5.87
CA PRO A 404 12.03 -14.16 7.05
C PRO A 404 10.58 -13.85 7.38
N ALA A 405 10.05 -12.73 6.90
CA ALA A 405 8.64 -12.33 7.25
C ALA A 405 7.61 -12.78 6.24
N GLY A 406 8.05 -13.24 5.08
CA GLY A 406 7.12 -13.77 4.10
C GLY A 406 6.61 -15.11 4.54
N GLY A 407 5.85 -15.77 3.69
CA GLY A 407 5.38 -17.11 4.02
C GLY A 407 4.41 -17.56 2.95
N TRP A 408 3.43 -18.37 3.33
CA TRP A 408 2.31 -18.65 2.44
C TRP A 408 1.00 -18.33 3.14
N LEU A 409 -0.01 -18.05 2.33
CA LEU A 409 -1.35 -17.98 2.84
C LEU A 409 -2.27 -18.60 1.80
N CYS A 410 -3.51 -18.87 2.21
CA CYS A 410 -4.57 -19.45 1.39
C CYS A 410 -5.50 -18.37 0.87
N PRO A 411 -5.37 -18.02 -0.42
CA PRO A 411 -6.01 -16.81 -0.95
C PRO A 411 -7.49 -16.98 -1.01
N SER A 412 -7.92 -18.23 -1.14
CA SER A 412 -9.33 -18.53 -1.19
C SER A 412 -9.98 -18.19 0.15
N ASP A 413 -9.46 -18.78 1.22
CA ASP A 413 -9.97 -18.54 2.55
C ASP A 413 -9.94 -17.08 2.87
N LEU A 414 -8.87 -16.41 2.45
CA LEU A 414 -8.68 -15.02 2.77
C LEU A 414 -9.71 -14.12 2.10
N THR A 415 -9.95 -14.36 0.82
CA THR A 415 -10.90 -13.57 0.04
C THR A 415 -12.32 -13.80 0.58
N HIS A 416 -12.68 -15.04 0.85
CA HIS A 416 -14.00 -15.31 1.40
C HIS A 416 -14.16 -14.54 2.69
N ALA A 417 -13.15 -14.62 3.55
CA ALA A 417 -13.17 -14.00 4.88
C ALA A 417 -13.33 -12.52 4.82
N LEU A 418 -12.69 -11.90 3.82
CA LEU A 418 -12.71 -10.45 3.72
C LEU A 418 -14.00 -9.96 3.09
N LEU A 421 -16.57 -9.93 6.00
CA LEU A 421 -16.41 -8.79 6.88
C LEU A 421 -16.85 -7.53 6.16
N ALA A 422 -16.58 -7.49 4.86
CA ALA A 422 -17.00 -6.37 4.06
C ALA A 422 -18.52 -6.33 4.03
N GLN A 423 -19.13 -7.51 3.88
CA GLN A 423 -20.58 -7.64 3.96
C GLN A 423 -21.16 -7.23 5.30
N GLN A 424 -20.69 -7.86 6.36
CA GLN A 424 -21.08 -7.56 7.74
C GLN A 424 -20.97 -6.08 8.07
N ASN A 425 -20.04 -5.38 7.46
CA ASN A 425 -19.93 -3.98 7.76
C ASN A 425 -20.68 -3.08 6.79
N GLY A 426 -21.48 -3.68 5.92
CA GLY A 426 -22.41 -2.92 5.13
C GLY A 426 -22.30 -3.03 3.63
N THR A 428 -23.54 -4.63 0.48
CA THR A 428 -24.50 -5.55 -0.13
C THR A 428 -23.76 -6.28 -1.23
N CYS A 429 -23.96 -7.60 -1.33
CA CYS A 429 -23.29 -8.37 -2.39
C CYS A 429 -24.22 -9.05 -3.37
N HIS A 430 -24.00 -8.82 -4.66
CA HIS A 430 -24.79 -9.48 -5.69
C HIS A 430 -23.99 -10.44 -6.52
N TYR A 431 -23.99 -11.70 -6.10
CA TYR A 431 -23.27 -12.75 -6.82
C TYR A 431 -24.13 -13.26 -7.96
N GLN A 432 -23.50 -13.98 -8.87
CA GLN A 432 -24.14 -14.38 -10.13
C GLN A 432 -24.58 -13.14 -10.87
N HIS A 433 -23.73 -12.12 -10.89
CA HIS A 433 -24.04 -10.85 -11.55
C HIS A 433 -22.91 -10.44 -12.47
N GLU A 434 -22.95 -10.91 -13.71
CA GLU A 434 -21.90 -10.66 -14.67
C GLU A 434 -22.25 -9.40 -15.42
N LEU A 435 -21.42 -8.37 -15.26
CA LEU A 435 -21.65 -7.13 -16.00
C LEU A 435 -21.45 -7.39 -17.48
N GLN A 436 -22.35 -6.84 -18.27
CA GLN A 436 -22.36 -7.06 -19.71
C GLN A 436 -22.31 -5.75 -20.46
N ARG A 437 -22.74 -4.68 -19.83
CA ARG A 437 -22.77 -3.39 -20.51
C ARG A 437 -22.57 -2.27 -19.49
N LEU A 438 -21.77 -1.28 -19.85
CA LEU A 438 -21.42 -0.23 -18.92
C LEU A 438 -21.59 1.14 -19.56
N LYS A 439 -22.48 1.96 -19.00
CA LYS A 439 -22.82 3.21 -19.68
C LYS A 439 -23.00 4.41 -18.75
N ARG A 440 -22.44 5.55 -19.12
CA ARG A 440 -22.70 6.74 -18.32
C ARG A 440 -23.75 7.63 -18.96
N ILE A 441 -24.90 7.71 -18.30
CA ILE A 441 -25.96 8.57 -18.78
C ILE A 441 -26.45 9.37 -17.61
N ASP A 442 -26.21 10.67 -17.70
CA ASP A 442 -26.68 11.65 -16.74
C ASP A 442 -26.28 11.42 -15.29
N SER A 443 -24.99 11.56 -15.03
CA SER A 443 -24.47 11.48 -13.66
C SER A 443 -24.43 10.07 -13.10
N GLN A 444 -24.83 9.08 -13.90
CA GLN A 444 -24.91 7.71 -13.41
C GLN A 444 -24.36 6.67 -14.37
N TRP A 445 -23.74 5.66 -13.80
CA TRP A 445 -23.27 4.53 -14.53
C TRP A 445 -24.38 3.46 -14.68
N GLN A 446 -24.80 3.22 -15.92
CA GLN A 446 -25.79 2.17 -16.20
C GLN A 446 -25.13 0.82 -16.33
N LEU A 447 -25.59 -0.10 -15.48
CA LEU A 447 -25.05 -1.42 -15.39
C LEU A 447 -26.08 -2.41 -15.87
N THR A 448 -25.72 -3.26 -16.83
CA THR A 448 -26.61 -4.29 -17.37
C THR A 448 -26.02 -5.65 -17.08
N PHE A 449 -26.89 -6.63 -16.81
CA PHE A 449 -26.48 -7.99 -16.41
C PHE A 449 -27.16 -9.14 -17.19
N GLY A 450 -26.57 -9.54 -18.32
CA GLY A 450 -27.08 -10.69 -19.07
C GLY A 450 -27.45 -11.89 -18.19
N GLN A 453 -31.65 -10.32 -15.48
CA GLN A 453 -31.78 -9.79 -14.12
C GLN A 453 -31.80 -8.27 -14.11
N ALA A 454 -32.25 -7.72 -13.00
CA ALA A 454 -32.44 -6.29 -12.85
C ALA A 454 -31.18 -5.48 -13.12
N ALA A 455 -31.27 -4.58 -14.10
CA ALA A 455 -30.29 -3.55 -14.38
C ALA A 455 -30.17 -2.59 -13.18
N LYS A 456 -29.00 -1.97 -13.05
CA LYS A 456 -28.68 -1.12 -11.92
C LYS A 456 -27.94 0.13 -12.37
N HIS A 457 -28.08 1.22 -11.60
CA HIS A 457 -27.38 2.46 -11.90
C HIS A 457 -26.59 2.95 -10.66
N HIS A 458 -25.39 3.51 -10.88
CA HIS A 458 -24.56 3.97 -9.75
C HIS A 458 -23.83 5.26 -10.09
N ALA A 459 -23.47 6.03 -9.08
CA ALA A 459 -22.84 7.32 -9.26
C ALA A 459 -21.35 7.15 -9.52
N THR A 460 -20.77 6.18 -8.80
CA THR A 460 -19.35 5.90 -8.85
C THR A 460 -19.07 4.39 -9.02
N VAL A 461 -18.22 4.03 -9.99
CA VAL A 461 -17.89 2.61 -10.24
C VAL A 461 -16.40 2.23 -10.31
N ILE A 462 -16.05 1.13 -9.62
CA ILE A 462 -14.69 0.59 -9.64
C ILE A 462 -14.59 -0.76 -10.35
N LEU A 463 -13.70 -0.86 -11.34
CA LEU A 463 -13.45 -2.15 -11.98
C LEU A 463 -12.30 -2.90 -11.33
N ALA A 464 -12.63 -4.09 -10.80
CA ALA A 464 -11.68 -5.01 -10.18
C ALA A 464 -11.85 -6.39 -10.76
N THR A 465 -11.74 -6.51 -12.08
CA THR A 465 -12.05 -7.76 -12.74
C THR A 465 -10.86 -8.59 -13.15
N GLY A 466 -9.66 -8.26 -12.68
CA GLY A 466 -8.53 -9.16 -12.89
C GLY A 466 -8.17 -9.17 -14.37
N HIS A 467 -8.00 -10.36 -14.94
CA HIS A 467 -7.59 -10.48 -16.34
C HIS A 467 -8.63 -9.96 -17.35
N ARG A 468 -9.89 -9.93 -16.95
CA ARG A 468 -10.96 -9.46 -17.81
C ARG A 468 -11.08 -7.94 -17.80
N LEU A 469 -10.02 -7.28 -17.34
CA LEU A 469 -10.04 -5.82 -17.15
C LEU A 469 -10.08 -4.99 -18.45
N PRO A 470 -9.40 -5.44 -19.52
CA PRO A 470 -9.41 -4.58 -20.71
C PRO A 470 -10.53 -4.95 -21.71
N GLU A 471 -11.68 -5.40 -21.20
CA GLU A 471 -12.75 -5.86 -22.08
C GLU A 471 -13.79 -4.82 -22.46
N TRP A 472 -13.60 -3.57 -22.03
CA TRP A 472 -14.61 -2.53 -22.19
C TRP A 472 -14.17 -1.49 -23.18
N GLU A 473 -15.15 -0.87 -23.83
CA GLU A 473 -14.89 0.28 -24.70
C GLU A 473 -13.97 1.18 -23.88
N GLN A 474 -14.34 1.32 -22.62
CA GLN A 474 -13.73 2.27 -21.72
C GLN A 474 -12.35 1.85 -21.28
N THR A 475 -12.02 0.56 -21.33
CA THR A 475 -10.69 0.14 -20.87
C THR A 475 -9.82 -0.58 -21.89
N HIS A 476 -10.29 -0.74 -23.12
CA HIS A 476 -9.58 -1.62 -24.06
C HIS A 476 -8.30 -1.09 -24.72
N HIS A 477 -7.83 0.10 -24.35
CA HIS A 477 -6.52 0.59 -24.84
C HIS A 477 -5.38 0.37 -23.81
N LEU A 478 -5.71 -0.26 -22.67
CA LEU A 478 -4.74 -0.51 -21.59
C LEU A 478 -3.96 -1.77 -21.86
N PRO A 479 -2.63 -1.68 -21.85
CA PRO A 479 -1.71 -2.80 -22.12
C PRO A 479 -1.62 -3.85 -21.00
N LEU A 480 -2.73 -4.54 -20.76
CA LEU A 480 -2.85 -5.64 -19.79
C LEU A 480 -2.96 -6.97 -20.50
N SER A 481 -2.34 -8.03 -20.01
CA SER A 481 -2.46 -9.29 -20.71
C SER A 481 -2.87 -10.42 -19.79
N ALA A 482 -3.46 -11.47 -20.38
CA ALA A 482 -3.98 -12.58 -19.64
C ALA A 482 -2.96 -13.67 -19.69
N VAL A 483 -2.64 -14.24 -18.53
CA VAL A 483 -1.68 -15.33 -18.48
C VAL A 483 -2.20 -16.42 -17.58
N ARG A 484 -2.53 -17.55 -18.19
CA ARG A 484 -3.07 -18.71 -17.51
C ARG A 484 -1.97 -19.30 -16.65
N GLY A 485 -2.38 -19.96 -15.58
CA GLY A 485 -1.45 -20.68 -14.73
C GLY A 485 -2.18 -21.80 -14.04
N GLN A 486 -1.47 -22.89 -13.81
CA GLN A 486 -2.08 -24.03 -13.17
C GLN A 486 -1.16 -24.40 -12.03
N VAL A 487 -1.76 -24.67 -10.87
CA VAL A 487 -1.02 -25.00 -9.67
C VAL A 487 -1.43 -26.41 -9.34
N SER A 488 -0.48 -27.28 -9.09
CA SER A 488 -0.83 -28.63 -8.71
C SER A 488 -1.07 -28.76 -7.18
N HIS A 489 -1.92 -29.71 -6.82
CA HIS A 489 -2.13 -30.06 -5.44
C HIS A 489 -1.47 -31.42 -5.25
N ILE A 490 -0.66 -31.56 -4.21
CA ILE A 490 0.07 -32.79 -4.03
C ILE A 490 0.08 -33.27 -2.61
N PRO A 491 -0.08 -34.57 -2.43
CA PRO A 491 -0.04 -35.12 -1.08
C PRO A 491 1.34 -34.89 -0.44
N THR A 492 1.40 -34.80 0.89
CA THR A 492 2.69 -34.67 1.56
C THR A 492 3.18 -36.09 1.84
N THR A 493 4.42 -36.21 2.29
CA THR A 493 5.03 -37.49 2.63
C THR A 493 5.89 -37.19 3.86
N PRO A 494 6.29 -38.24 4.62
CA PRO A 494 7.13 -37.95 5.78
C PRO A 494 8.28 -36.99 5.49
N VAL A 495 8.98 -37.16 4.37
CA VAL A 495 10.08 -36.25 4.04
C VAL A 495 9.59 -34.85 3.57
N LEU A 496 8.62 -34.83 2.69
CA LEU A 496 7.99 -33.59 2.32
C LEU A 496 7.51 -32.76 3.52
N SER A 497 6.76 -33.38 4.43
CA SER A 497 6.29 -32.71 5.65
C SER A 497 7.39 -31.94 6.35
N GLN A 498 8.63 -32.33 6.13
CA GLN A 498 9.76 -31.65 6.78
C GLN A 498 10.03 -30.21 6.36
N LEU A 499 9.59 -29.83 5.15
CA LEU A 499 9.90 -28.53 4.59
C LEU A 499 9.21 -27.41 5.31
N GLN A 500 10.00 -26.45 5.81
CA GLN A 500 9.50 -25.30 6.60
C GLN A 500 9.30 -23.98 5.86
N GLN A 501 9.98 -23.80 4.73
CA GLN A 501 9.91 -22.56 3.93
C GLN A 501 9.16 -22.79 2.65
N VAL A 502 8.67 -21.69 2.07
CA VAL A 502 8.22 -21.73 0.72
C VAL A 502 9.48 -21.64 -0.09
N LEU A 503 9.60 -22.42 -1.16
CA LEU A 503 10.80 -22.32 -2.01
C LEU A 503 10.49 -21.79 -3.45
N CYS A 504 11.21 -20.73 -3.82
CA CYS A 504 11.17 -20.18 -5.16
C CYS A 504 12.40 -20.51 -6.04
N TYR A 505 12.13 -21.06 -7.21
CA TYR A 505 13.09 -21.30 -8.26
C TYR A 505 12.37 -20.81 -9.55
N ASP A 506 12.42 -21.56 -10.65
CA ASP A 506 11.59 -21.29 -11.83
C ASP A 506 10.21 -21.88 -11.54
N GLY A 507 9.53 -21.30 -10.56
CA GLY A 507 8.37 -21.93 -9.96
C GLY A 507 8.58 -22.00 -8.44
N TYR A 508 7.72 -22.72 -7.73
CA TYR A 508 7.66 -22.61 -6.27
C TYR A 508 6.97 -23.78 -5.61
N LEU A 509 7.35 -24.04 -4.36
CA LEU A 509 6.79 -25.16 -3.64
C LEU A 509 6.46 -24.71 -2.26
N THR A 510 5.24 -24.88 -1.84
CA THR A 510 4.89 -24.44 -0.50
C THR A 510 5.07 -25.59 0.47
N PRO A 511 5.15 -25.28 1.77
CA PRO A 511 5.14 -26.31 2.78
C PRO A 511 3.80 -27.00 2.82
N VAL A 512 3.70 -28.06 3.61
CA VAL A 512 2.42 -28.73 3.72
C VAL A 512 1.46 -27.78 4.41
N ASN A 513 0.19 -27.80 4.01
CA ASN A 513 -0.84 -27.19 4.86
C ASN A 513 -1.34 -28.24 5.88
N PRO A 514 -1.04 -28.01 7.16
CA PRO A 514 -1.37 -28.92 8.25
C PRO A 514 -2.83 -29.26 8.24
N ALA A 515 -3.67 -28.27 7.96
CA ALA A 515 -5.12 -28.53 7.90
C ALA A 515 -5.58 -29.43 6.75
N ASN A 516 -4.79 -29.62 5.69
CA ASN A 516 -5.25 -30.44 4.56
C ASN A 516 -4.25 -31.52 4.11
N GLN A 517 -3.02 -31.47 4.62
CA GLN A 517 -2.06 -32.52 4.30
C GLN A 517 -1.62 -32.57 2.84
N HIS A 518 -1.62 -31.42 2.17
CA HIS A 518 -1.26 -31.34 0.75
C HIS A 518 -0.42 -30.08 0.56
N HIS A 519 0.37 -30.07 -0.49
CA HIS A 519 1.13 -28.86 -0.80
C HIS A 519 0.63 -28.34 -2.10
N CYS A 520 0.98 -27.09 -2.37
CA CYS A 520 0.92 -26.49 -3.69
C CYS A 520 2.31 -26.39 -4.33
N ILE A 521 2.36 -26.77 -5.60
CA ILE A 521 3.57 -26.60 -6.43
C ILE A 521 3.17 -26.10 -7.83
N GLY A 522 3.75 -24.99 -8.28
CA GLY A 522 3.39 -24.41 -9.58
C GLY A 522 4.53 -23.63 -10.18
N ALA A 523 4.28 -22.84 -11.23
CA ALA A 523 3.01 -22.76 -11.92
C ALA A 523 3.27 -22.61 -13.44
N SER A 524 2.32 -23.02 -14.25
CA SER A 524 2.41 -22.79 -15.65
C SER A 524 2.23 -21.29 -15.94
N TYR A 525 2.80 -20.84 -17.06
CA TYR A 525 2.70 -19.44 -17.41
C TYR A 525 2.37 -19.30 -18.92
N GLN A 526 1.09 -19.21 -19.27
CA GLN A 526 0.70 -19.22 -20.67
C GLN A 526 0.08 -17.90 -21.14
N ARG A 527 0.88 -17.04 -21.77
CA ARG A 527 0.40 -15.74 -22.25
C ARG A 527 -0.72 -15.91 -23.30
N GLY A 528 -1.74 -15.06 -23.21
CA GLY A 528 -2.88 -15.13 -24.11
C GLY A 528 -3.66 -16.43 -24.08
N ASP A 529 -3.43 -17.26 -23.06
CA ASP A 529 -4.27 -18.43 -22.83
C ASP A 529 -5.19 -18.03 -21.69
N ILE A 530 -6.50 -18.09 -21.88
CA ILE A 530 -7.44 -17.75 -20.79
C ILE A 530 -8.37 -18.90 -20.36
N ALA A 531 -8.17 -20.08 -20.94
CA ALA A 531 -8.94 -21.26 -20.52
C ALA A 531 -8.44 -21.79 -19.19
N THR A 532 -9.33 -22.41 -18.43
CA THR A 532 -8.95 -22.92 -17.12
C THR A 532 -9.22 -24.41 -17.01
N ASP A 533 -9.24 -25.12 -18.14
CA ASP A 533 -9.40 -26.58 -18.11
C ASP A 533 -8.09 -27.19 -17.63
N PHE A 534 -8.20 -28.22 -16.79
CA PHE A 534 -7.02 -28.97 -16.35
C PHE A 534 -6.28 -29.57 -17.56
N ARG A 535 -4.95 -29.42 -17.58
CA ARG A 535 -4.07 -29.93 -18.62
C ARG A 535 -2.99 -30.84 -18.04
N LEU A 536 -2.72 -31.96 -18.69
CA LEU A 536 -1.82 -32.98 -18.14
C LEU A 536 -0.35 -32.59 -18.34
N THR A 537 -0.10 -32.03 -19.53
CA THR A 537 1.16 -31.41 -19.89
C THR A 537 1.62 -30.47 -18.77
N GLU A 538 0.75 -29.55 -18.36
CA GLU A 538 1.06 -28.52 -17.36
C GLU A 538 1.19 -29.08 -15.96
N GLN A 539 0.48 -30.18 -15.70
CA GLN A 539 0.60 -30.89 -14.42
C GLN A 539 1.99 -31.45 -14.27
N GLN A 540 2.46 -32.13 -15.30
CA GLN A 540 3.82 -32.66 -15.32
C GLN A 540 4.86 -31.54 -15.24
N GLU A 541 4.58 -30.41 -15.89
CA GLU A 541 5.56 -29.33 -15.91
C GLU A 541 5.87 -28.78 -14.53
N ASN A 542 4.85 -28.77 -13.68
CA ASN A 542 5.03 -28.28 -12.34
C ASN A 542 6.05 -29.12 -11.55
N ARG A 543 6.02 -30.45 -11.76
CA ARG A 543 7.00 -31.31 -11.13
C ARG A 543 8.36 -31.14 -11.80
N GLU A 544 8.37 -31.20 -13.12
CA GLU A 544 9.62 -31.05 -13.88
C GLU A 544 10.34 -29.78 -13.48
N ARG A 545 9.64 -28.65 -13.31
CA ARG A 545 10.32 -27.41 -12.90
C ARG A 545 11.15 -27.66 -11.67
N LEU A 546 10.53 -28.33 -10.67
CA LEU A 546 11.22 -28.59 -9.39
C LEU A 546 12.47 -29.48 -9.58
N LEU A 547 12.32 -30.56 -10.35
CA LEU A 547 13.41 -31.47 -10.67
C LEU A 547 14.51 -30.86 -11.55
N ARG A 548 14.13 -30.02 -12.50
CA ARG A 548 15.06 -29.31 -13.34
C ARG A 548 15.89 -28.33 -12.51
N CYS A 549 15.32 -27.68 -11.50
CA CYS A 549 16.08 -26.63 -10.80
C CYS A 549 16.88 -27.09 -9.59
N LEU A 550 16.52 -28.24 -9.03
CA LEU A 550 17.23 -28.81 -7.89
C LEU A 550 17.69 -30.20 -8.21
N PRO A 551 18.52 -30.32 -9.24
CA PRO A 551 18.96 -31.66 -9.64
C PRO A 551 19.97 -32.25 -8.64
N GLN A 552 20.75 -31.42 -7.95
CA GLN A 552 21.74 -31.93 -6.99
C GLN A 552 21.17 -32.72 -5.77
N VAL A 553 19.88 -32.59 -5.44
CA VAL A 553 19.35 -33.35 -4.29
C VAL A 553 18.28 -34.34 -4.75
N SER A 554 17.91 -35.29 -3.89
CA SER A 554 16.94 -36.31 -4.32
C SER A 554 15.49 -36.21 -3.84
N TRP A 555 15.25 -35.45 -2.78
CA TRP A 555 13.91 -35.42 -2.19
C TRP A 555 12.78 -34.90 -3.11
N PRO A 556 13.13 -34.03 -4.12
CA PRO A 556 12.13 -33.52 -5.06
C PRO A 556 11.39 -34.64 -5.74
N GLN A 557 12.05 -35.79 -5.89
CA GLN A 557 11.40 -36.97 -6.51
C GLN A 557 10.11 -37.40 -5.78
N GLN A 558 9.97 -37.00 -4.51
CA GLN A 558 8.79 -37.37 -3.71
C GLN A 558 7.53 -36.58 -4.04
N VAL A 559 7.69 -35.44 -4.71
CA VAL A 559 6.57 -34.69 -5.31
C VAL A 559 5.84 -35.55 -6.34
N ASP A 560 4.55 -35.80 -6.06
CA ASP A 560 3.73 -36.74 -6.83
C ASP A 560 2.47 -36.05 -7.35
N VAL A 561 2.50 -35.69 -8.63
CA VAL A 561 1.38 -35.01 -9.28
C VAL A 561 0.38 -35.93 -9.99
N SER A 562 0.57 -37.25 -9.84
CA SER A 562 -0.22 -38.23 -10.62
C SER A 562 -1.71 -38.35 -10.27
N ASP A 563 -2.14 -37.81 -9.14
CA ASP A 563 -3.59 -37.75 -8.82
C ASP A 563 -4.34 -36.76 -9.71
N ASN A 564 -3.59 -35.93 -10.43
CA ASN A 564 -4.16 -34.88 -11.26
C ASN A 564 -5.11 -33.93 -10.59
N GLN A 565 -4.81 -33.58 -9.34
CA GLN A 565 -5.50 -32.49 -8.68
C GLN A 565 -4.67 -31.23 -8.93
N ALA A 566 -5.33 -30.12 -9.27
CA ALA A 566 -4.68 -28.86 -9.57
C ALA A 566 -5.74 -27.76 -9.61
N ARG A 567 -5.30 -26.51 -9.63
CA ARG A 567 -6.23 -25.43 -9.92
C ARG A 567 -5.69 -24.50 -11.02
N CYS A 568 -6.55 -24.08 -11.93
CA CYS A 568 -6.16 -23.13 -12.97
C CYS A 568 -6.81 -21.80 -12.74
N GLY A 569 -6.18 -20.74 -13.21
CA GLY A 569 -6.68 -19.41 -13.03
C GLY A 569 -5.92 -18.54 -13.97
N VAL A 570 -6.42 -17.32 -14.16
CA VAL A 570 -5.79 -16.40 -15.11
C VAL A 570 -5.27 -15.15 -14.43
N ARG A 571 -4.01 -14.83 -14.74
CA ARG A 571 -3.34 -13.71 -14.17
C ARG A 571 -3.58 -12.53 -15.10
N CYS A 572 -3.42 -11.32 -14.55
CA CYS A 572 -3.48 -10.13 -15.36
C CYS A 572 -2.14 -9.45 -15.23
N ALA A 573 -1.36 -9.54 -16.30
CA ALA A 573 0.05 -9.13 -16.31
C ALA A 573 0.27 -7.78 -16.95
N ILE A 574 1.32 -7.10 -16.49
CA ILE A 574 1.70 -5.80 -17.00
C ILE A 574 3.21 -5.83 -17.22
N ARG A 575 3.63 -5.40 -18.41
CA ARG A 575 4.99 -5.65 -18.86
C ARG A 575 6.07 -5.00 -17.94
N ASP A 576 5.72 -3.96 -17.20
CA ASP A 576 6.65 -3.33 -16.26
C ASP A 576 6.54 -3.87 -14.81
N HIS A 577 5.61 -4.80 -14.60
CA HIS A 577 5.53 -5.55 -13.33
C HIS A 577 4.87 -4.87 -12.14
N LEU A 578 4.39 -3.66 -12.35
CA LEU A 578 3.66 -2.95 -11.34
C LEU A 578 2.20 -3.04 -11.69
N PRO A 579 1.34 -3.06 -10.65
CA PRO A 579 -0.09 -3.03 -10.89
C PRO A 579 -0.56 -1.70 -11.45
N VAL A 581 -3.59 1.02 -10.69
CA VAL A 581 -4.57 1.51 -9.74
C VAL A 581 -4.67 3.01 -9.96
N GLY A 582 -5.89 3.45 -10.25
CA GLY A 582 -6.23 4.88 -10.32
C GLY A 582 -7.55 5.12 -11.02
N ALA A 583 -7.70 6.34 -11.55
CA ALA A 583 -8.81 6.72 -12.42
C ALA A 583 -8.69 6.01 -13.79
N VAL A 584 -9.80 5.50 -14.30
CA VAL A 584 -9.75 4.89 -15.62
C VAL A 584 -9.55 5.99 -16.65
N PRO A 585 -8.43 5.94 -17.39
CA PRO A 585 -8.10 7.07 -18.28
C PRO A 585 -8.88 7.05 -19.61
N ASP A 586 -8.89 8.19 -20.29
CA ASP A 586 -9.51 8.35 -21.60
C ASP A 586 -8.45 8.41 -22.70
N TYR A 587 -8.32 7.30 -23.44
CA TYR A 587 -7.32 7.18 -24.50
C TYR A 587 -7.36 8.25 -25.56
N ALA A 588 -8.53 8.39 -26.21
CA ALA A 588 -8.65 9.36 -27.27
C ALA A 588 -8.43 10.80 -26.75
N ALA A 589 -8.96 11.09 -25.56
CA ALA A 589 -8.86 12.43 -24.97
C ALA A 589 -7.46 12.78 -24.52
N THR A 590 -6.65 11.76 -24.26
CA THR A 590 -5.29 11.95 -23.75
C THR A 590 -4.35 12.31 -24.89
N LEU A 591 -4.32 11.48 -25.92
CA LEU A 591 -3.47 11.73 -27.08
C LEU A 591 -3.75 13.11 -27.68
N ALA A 592 -5.01 13.53 -27.59
CA ALA A 592 -5.46 14.82 -28.11
C ALA A 592 -4.97 15.93 -27.21
N GLN A 593 -5.31 15.81 -25.93
CA GLN A 593 -4.95 16.84 -24.99
C GLN A 593 -3.45 17.08 -24.80
N TYR A 594 -2.63 16.04 -24.93
CA TYR A 594 -1.21 16.14 -24.57
C TYR A 594 -0.23 16.05 -25.74
N GLN A 595 -0.59 16.62 -26.87
CA GLN A 595 0.31 16.65 -28.03
C GLN A 595 1.50 17.60 -27.80
N ASP A 596 1.25 18.71 -27.09
CA ASP A 596 2.29 19.72 -26.80
C ASP A 596 3.15 19.37 -25.57
N LEU A 597 2.91 18.21 -24.97
CA LEU A 597 3.50 17.86 -23.67
C LEU A 597 5.02 17.97 -23.61
N SER A 598 5.70 17.21 -24.45
CA SER A 598 7.15 17.21 -24.47
C SER A 598 7.77 18.62 -24.41
N ARG A 599 7.08 19.59 -25.02
CA ARG A 599 7.56 20.96 -25.19
C ARG A 599 7.61 21.85 -23.92
N ARG A 600 6.57 21.77 -23.08
CA ARG A 600 6.44 22.67 -21.91
C ARG A 600 7.24 22.29 -20.63
N ILE A 601 8.24 21.42 -20.75
CA ILE A 601 9.12 21.12 -19.59
C ILE A 601 10.57 21.62 -19.78
N ASP A 611 1.20 26.69 -17.25
CA ASP A 611 0.33 25.82 -16.47
C ASP A 611 -0.65 24.99 -17.37
N ILE A 612 -0.38 23.68 -17.45
CA ILE A 612 -1.11 22.71 -18.30
C ILE A 612 -2.37 22.17 -17.64
N ALA A 613 -3.17 21.42 -18.40
CA ALA A 613 -4.42 20.81 -17.87
C ALA A 613 -4.23 19.38 -17.30
N VAL A 614 -5.04 19.05 -16.28
CA VAL A 614 -5.05 17.74 -15.63
C VAL A 614 -5.59 16.66 -16.57
N ALA A 615 -5.14 15.42 -16.38
CA ALA A 615 -5.37 14.30 -17.30
C ALA A 615 -6.84 13.93 -17.58
N PRO A 616 -7.16 13.54 -18.83
CA PRO A 616 -8.51 13.16 -19.20
C PRO A 616 -8.88 11.74 -18.75
N VAL A 617 -9.98 11.62 -18.00
CA VAL A 617 -10.42 10.32 -17.46
C VAL A 617 -11.91 10.14 -17.71
N TRP A 618 -12.39 8.90 -17.66
CA TRP A 618 -13.85 8.66 -17.65
C TRP A 618 -14.44 9.06 -16.29
N PRO A 619 -15.50 9.86 -16.32
CA PRO A 619 -15.98 10.47 -15.09
C PRO A 619 -16.41 9.45 -14.04
N GLU A 620 -15.87 9.57 -12.83
CA GLU A 620 -16.24 8.74 -11.70
C GLU A 620 -15.99 7.27 -11.95
N LEU A 621 -14.98 6.97 -12.76
CA LEU A 621 -14.69 5.59 -13.07
C LEU A 621 -13.22 5.29 -12.75
N PHE A 622 -13.06 4.30 -11.87
CA PHE A 622 -11.78 3.90 -11.33
C PHE A 622 -11.60 2.40 -11.45
N VAL A 624 -8.65 -1.02 -10.25
CA VAL A 624 -7.51 -1.57 -9.57
C VAL A 624 -7.31 -3.05 -9.96
N GLY A 625 -6.16 -3.35 -10.57
CA GLY A 625 -5.89 -4.70 -11.09
C GLY A 625 -4.46 -4.83 -11.59
N GLY A 626 -4.18 -5.90 -12.34
CA GLY A 626 -2.88 -6.03 -12.96
C GLY A 626 -1.85 -6.49 -11.95
N LEU A 627 -2.28 -7.38 -11.07
CA LEU A 627 -1.44 -7.88 -10.00
C LEU A 627 -0.56 -9.09 -10.37
N GLY A 628 -0.63 -9.54 -11.61
CA GLY A 628 0.23 -10.65 -12.03
C GLY A 628 0.25 -11.84 -11.09
N SER A 629 1.37 -12.09 -10.44
CA SER A 629 1.51 -13.24 -9.54
C SER A 629 1.91 -12.76 -8.16
N ARG A 630 1.75 -11.47 -7.93
CA ARG A 630 2.16 -10.91 -6.67
C ARG A 630 1.02 -10.19 -5.95
N GLY A 631 -0.20 -10.53 -6.28
CA GLY A 631 -1.32 -9.84 -5.66
C GLY A 631 -1.44 -10.01 -4.15
N LEU A 632 -1.12 -11.19 -3.65
CA LEU A 632 -1.06 -11.41 -2.21
C LEU A 632 -0.23 -10.31 -1.53
N CYS A 633 0.79 -9.85 -2.22
CA CYS A 633 1.67 -8.90 -1.64
C CYS A 633 1.23 -7.45 -1.96
N SER A 634 0.67 -7.22 -3.14
CA SER A 634 0.44 -5.85 -3.58
C SER A 634 -0.97 -5.35 -3.34
N ALA A 635 -1.91 -6.26 -3.24
CA ALA A 635 -3.27 -5.84 -3.12
C ALA A 635 -3.52 -4.90 -1.92
N PRO A 636 -2.91 -5.17 -0.76
CA PRO A 636 -3.42 -4.32 0.32
C PRO A 636 -3.08 -2.85 0.14
N LEU A 637 -1.85 -2.59 -0.30
CA LEU A 637 -1.46 -1.21 -0.52
C LEU A 637 -2.15 -0.59 -1.73
N VAL A 638 -2.38 -1.36 -2.80
CA VAL A 638 -3.09 -0.75 -3.97
C VAL A 638 -4.53 -0.42 -3.56
N ALA A 639 -5.16 -1.34 -2.84
CA ALA A 639 -6.44 -1.08 -2.26
C ALA A 639 -6.44 0.26 -1.50
N GLU A 640 -5.52 0.40 -0.56
CA GLU A 640 -5.52 1.59 0.25
C GLU A 640 -5.29 2.85 -0.56
N ILE A 641 -4.38 2.77 -1.52
CA ILE A 641 -4.11 3.87 -2.41
C ILE A 641 -5.37 4.32 -3.16
N LEU A 642 -6.15 3.36 -3.62
CA LEU A 642 -7.37 3.74 -4.31
C LEU A 642 -8.34 4.46 -3.38
N ALA A 643 -8.66 3.83 -2.25
CA ALA A 643 -9.54 4.49 -1.31
C ALA A 643 -9.01 5.90 -0.98
N ALA A 644 -7.69 6.00 -0.75
CA ALA A 644 -7.06 7.24 -0.35
C ALA A 644 -7.26 8.28 -1.43
N GLN A 645 -6.99 7.88 -2.68
CA GLN A 645 -7.17 8.75 -3.83
C GLN A 645 -8.62 9.20 -4.03
N PHE A 647 -10.88 9.52 -1.82
CA PHE A 647 -11.24 10.53 -0.84
C PHE A 647 -10.44 11.84 -0.92
N GLY A 648 -9.69 11.99 -2.01
CA GLY A 648 -8.85 13.16 -2.23
C GLY A 648 -7.82 13.33 -1.14
N GLU A 649 -7.55 12.27 -0.40
CA GLU A 649 -6.57 12.30 0.69
C GLU A 649 -5.15 12.36 0.14
N PRO A 650 -4.15 12.64 1.00
CA PRO A 650 -2.72 12.52 0.64
C PRO A 650 -2.29 11.07 0.60
N LEU A 651 -1.42 10.72 -0.34
CA LEU A 651 -1.12 9.31 -0.66
C LEU A 651 0.19 8.84 -0.08
N PRO A 652 0.32 7.53 0.12
CA PRO A 652 1.43 6.94 0.87
C PRO A 652 2.71 6.59 0.09
N LEU A 653 3.00 7.30 -0.99
CA LEU A 653 4.21 7.03 -1.76
C LEU A 653 4.66 8.30 -2.44
N ASP A 654 5.83 8.25 -3.08
CA ASP A 654 6.36 9.44 -3.73
C ASP A 654 5.82 9.58 -5.14
N ALA A 655 6.14 10.72 -5.75
CA ALA A 655 5.71 11.03 -7.08
C ALA A 655 6.08 9.95 -8.09
N LYS A 656 7.36 9.56 -8.21
CA LYS A 656 7.65 8.58 -9.27
C LYS A 656 6.97 7.23 -9.06
N THR A 657 6.87 6.75 -7.82
CA THR A 657 6.26 5.44 -7.58
C THR A 657 4.77 5.47 -7.94
N LEU A 658 4.10 6.51 -7.51
CA LEU A 658 2.69 6.69 -7.80
C LEU A 658 2.47 6.80 -9.30
N ALA A 659 3.25 7.66 -9.93
CA ALA A 659 3.26 7.79 -11.37
C ALA A 659 3.40 6.42 -11.97
N ALA A 660 4.30 5.59 -11.42
CA ALA A 660 4.60 4.28 -12.03
C ALA A 660 3.53 3.18 -11.81
N LEU A 661 2.45 3.57 -11.13
CA LEU A 661 1.33 2.70 -10.82
C LEU A 661 0.07 3.17 -11.52
N ASN A 662 0.18 4.28 -12.25
CA ASN A 662 -0.99 4.93 -12.83
C ASN A 662 -1.47 4.20 -14.08
N PRO A 663 -2.80 4.14 -14.28
CA PRO A 663 -3.33 3.47 -15.45
C PRO A 663 -2.81 4.03 -16.77
N ASN A 664 -2.68 5.35 -16.86
CA ASN A 664 -2.29 5.99 -18.10
C ASN A 664 -0.79 6.08 -18.35
N ARG A 665 0.02 5.42 -17.52
CA ARG A 665 1.44 5.72 -17.53
C ARG A 665 2.12 5.31 -18.82
N PHE A 666 1.60 4.28 -19.50
CA PHE A 666 2.26 3.78 -20.73
C PHE A 666 2.09 4.70 -21.93
N TRP A 667 0.88 5.26 -22.06
CA TRP A 667 0.58 6.26 -23.04
C TRP A 667 1.44 7.48 -22.74
N ILE A 668 1.41 7.97 -21.50
CA ILE A 668 2.16 9.18 -21.10
C ILE A 668 3.67 9.06 -21.34
N ARG A 669 4.20 7.84 -21.39
CA ARG A 669 5.63 7.66 -21.66
C ARG A 669 6.08 7.91 -23.14
N LYS A 670 5.28 7.50 -24.11
CA LYS A 670 5.59 7.80 -25.53
C LYS A 670 5.56 9.32 -25.70
N LEU A 671 4.39 9.89 -25.39
CA LEU A 671 4.11 11.31 -25.53
C LEU A 671 4.91 12.18 -24.59
N LEU A 672 5.80 11.56 -23.82
CA LEU A 672 6.58 12.31 -22.87
C LEU A 672 7.87 12.79 -23.55
N LYS A 673 8.10 12.30 -24.78
CA LYS A 673 9.15 12.86 -25.64
C LYS A 673 8.72 13.15 -27.09
N GLY A 674 7.84 12.33 -27.65
CA GLY A 674 7.42 12.53 -29.04
C GLY A 674 6.00 12.08 -29.33
#